data_5O8O
#
_entry.id   5O8O
#
_entity_poly.entity_id   1
_entity_poly.type   'polypeptide(L)'
_entity_poly.pdbx_seq_one_letter_code
;MASFSTESPLAMLRDNAIYSSLSDAFNAFQERRKQFGLSNPGTIETIAREVQRDTLLTNYMFSGLRADVTKAFSLAPLFQ
VSHQFAMGERLNPYAFAALYGTNQIFAQGNLDNEGALSTRFNYRWGDRTITKTQFSIGGGQDMAQFEHEHLGDDFSASLK
AINPSFLDGGLTGIFVGDYLQAVTPRLGLGLQAVWQRQGLTQGPDTAISYFARYKAGDWVASAQLQAQGALNTSFWKKLT
DRVQAGVDMTLSVAPSQSMMGGLTKEGITTFGAKYDFRMSTFRAQIDSKGKLSCLLEKRLGAAPVTLTFAADVDHVTQQA
KLGMSVSIEASDVDLQEQQEGAQSLNIPF
;
_entity_poly.pdbx_strand_id   A
#
# COMPACT_ATOMS: atom_id res chain seq x y z
N ILE A 18 -28.12 -15.58 29.32
CA ILE A 18 -26.97 -16.26 28.74
C ILE A 18 -26.13 -15.31 27.91
N TYR A 19 -26.69 -14.85 26.77
CA TYR A 19 -25.98 -13.98 25.84
C TYR A 19 -25.68 -12.62 26.47
N SER A 20 -26.48 -12.24 27.45
CA SER A 20 -26.22 -10.95 28.08
C SER A 20 -24.88 -10.96 28.81
N SER A 21 -24.43 -12.14 29.21
CA SER A 21 -23.12 -12.24 29.86
C SER A 21 -22.00 -11.95 28.87
N LEU A 22 -22.29 -12.14 27.61
CA LEU A 22 -21.33 -11.80 26.56
C LEU A 22 -21.24 -10.29 26.38
N SER A 23 -22.39 -9.64 26.49
CA SER A 23 -22.44 -8.18 26.48
C SER A 23 -21.88 -7.60 27.77
N ASP A 24 -21.94 -8.39 28.85
CA ASP A 24 -21.35 -7.99 30.12
C ASP A 24 -19.84 -8.13 30.09
N ALA A 25 -19.35 -9.19 29.47
CA ALA A 25 -17.92 -9.35 29.24
C ALA A 25 -17.37 -8.30 28.28
N PHE A 26 -18.20 -7.96 27.31
CA PHE A 26 -17.96 -6.84 26.41
C PHE A 26 -17.87 -5.52 27.17
N ASN A 27 -18.78 -5.36 28.10
CA ASN A 27 -18.75 -4.18 28.97
C ASN A 27 -17.55 -4.19 29.90
N ALA A 28 -17.12 -5.36 30.31
CA ALA A 28 -15.89 -5.46 31.07
C ALA A 28 -14.69 -5.03 30.23
N PHE A 29 -14.71 -5.43 28.96
CA PHE A 29 -13.72 -4.97 28.00
C PHE A 29 -13.79 -3.46 27.82
N GLN A 30 -15.00 -2.92 27.66
CA GLN A 30 -15.20 -1.48 27.45
C GLN A 30 -14.80 -0.68 28.68
N GLU A 31 -14.98 -1.23 29.86
CA GLU A 31 -14.50 -0.56 31.06
C GLU A 31 -12.98 -0.52 31.13
N ARG A 32 -12.36 -1.67 30.76
CA ARG A 32 -10.91 -1.85 30.66
C ARG A 32 -10.32 -1.20 29.41
N ARG A 33 -11.18 -0.89 28.45
CA ARG A 33 -10.82 -0.29 27.16
C ARG A 33 -10.15 1.06 27.34
N LYS A 34 -10.64 1.77 28.34
CA LYS A 34 -10.03 3.06 28.63
C LYS A 34 -8.58 2.91 29.06
N GLN A 35 -8.36 1.84 29.81
CA GLN A 35 -7.04 1.44 30.27
C GLN A 35 -6.20 0.79 29.18
N PHE A 36 -6.91 0.18 28.22
CA PHE A 36 -6.24 -0.44 27.07
C PHE A 36 -5.72 0.59 26.08
N GLY A 37 -6.33 1.76 26.10
CA GLY A 37 -5.91 2.83 25.22
C GLY A 37 -6.74 2.97 23.97
N LEU A 38 -6.24 3.84 23.11
CA LEU A 38 -6.91 4.21 21.86
C LEU A 38 -6.93 3.04 20.87
N SER A 39 -8.05 3.02 20.15
CA SER A 39 -8.62 2.13 19.15
C SER A 39 -7.69 2.08 17.94
N ASN A 40 -7.46 0.86 17.48
CA ASN A 40 -6.69 0.56 16.27
C ASN A 40 -7.64 0.13 15.16
N PRO A 41 -7.54 0.67 13.95
CA PRO A 41 -8.36 0.33 12.79
C PRO A 41 -8.07 -1.09 12.33
N GLY A 42 -6.93 -1.62 12.78
CA GLY A 42 -6.47 -2.98 12.61
C GLY A 42 -5.90 -3.24 11.23
N THR A 43 -5.54 -2.22 10.42
CA THR A 43 -5.01 -2.65 9.14
C THR A 43 -3.48 -2.71 9.17
N ILE A 44 -2.96 -3.90 9.07
CA ILE A 44 -1.53 -4.25 9.12
C ILE A 44 -0.74 -3.67 7.94
N GLU A 45 -1.35 -3.73 6.81
CA GLU A 45 -0.73 -3.21 5.59
C GLU A 45 -0.53 -1.70 5.69
N THR A 46 -1.47 -0.97 6.28
CA THR A 46 -1.29 0.48 6.42
C THR A 46 -0.36 0.80 7.58
N ILE A 47 -0.31 -0.09 8.54
CA ILE A 47 0.68 0.06 9.59
C ILE A 47 2.08 -0.15 9.03
N ALA A 48 2.18 -1.15 8.15
CA ALA A 48 3.41 -1.41 7.41
C ALA A 48 3.75 -0.24 6.50
N ARG A 49 2.71 0.43 6.01
CA ARG A 49 2.87 1.65 5.22
C ARG A 49 3.30 2.84 6.06
N GLU A 50 3.31 2.75 7.34
CA GLU A 50 3.80 3.94 8.02
C GLU A 50 5.25 4.24 7.64
N VAL A 51 5.93 3.16 7.33
CA VAL A 51 7.25 3.12 6.73
C VAL A 51 7.19 3.00 5.20
N GLN A 52 6.35 2.07 4.73
CA GLN A 52 6.31 1.77 3.30
C GLN A 52 5.47 2.76 2.50
N ARG A 53 4.68 3.60 3.14
CA ARG A 53 4.10 4.73 2.44
C ARG A 53 5.17 5.68 1.92
N ASP A 54 6.08 5.79 2.81
CA ASP A 54 7.26 6.61 2.61
C ASP A 54 8.37 5.89 1.85
N THR A 55 8.49 4.56 1.95
CA THR A 55 9.58 3.88 1.25
C THR A 55 9.10 2.96 0.14
N LEU A 56 8.02 2.19 0.29
CA LEU A 56 7.64 1.32 -0.81
C LEU A 56 6.95 2.08 -1.93
N LEU A 57 6.17 3.08 -1.57
CA LEU A 57 5.63 3.92 -2.64
C LEU A 57 6.77 4.67 -3.35
N THR A 58 7.75 5.05 -2.57
CA THR A 58 8.96 5.62 -3.18
C THR A 58 9.69 4.58 -4.02
N ASN A 59 9.63 3.36 -3.52
CA ASN A 59 10.16 2.29 -4.36
C ASN A 59 9.26 2.03 -5.56
N TYR A 60 7.98 2.29 -5.41
CA TYR A 60 7.20 2.16 -6.63
C TYR A 60 7.56 3.25 -7.64
N MET A 61 7.97 4.35 -7.08
CA MET A 61 8.49 5.46 -7.85
C MET A 61 9.96 5.33 -8.21
N PHE A 62 10.64 4.20 -7.86
CA PHE A 62 12.07 4.30 -8.20
C PHE A 62 12.25 3.90 -9.66
N SER A 63 11.27 3.43 -10.44
CA SER A 63 11.76 3.06 -11.75
C SER A 63 12.08 4.27 -12.60
N GLY A 64 13.36 4.39 -12.94
CA GLY A 64 13.98 5.40 -13.77
C GLY A 64 14.07 4.97 -15.22
N LEU A 65 13.57 3.81 -15.59
CA LEU A 65 13.55 3.34 -16.97
C LEU A 65 12.33 3.93 -17.69
N ARG A 66 11.55 4.73 -16.99
CA ARG A 66 10.32 5.29 -17.53
C ARG A 66 10.33 6.80 -17.30
N ALA A 67 9.72 7.44 -18.24
CA ALA A 67 9.10 8.76 -18.09
C ALA A 67 7.67 8.58 -17.62
N ASP A 68 7.19 9.35 -16.72
CA ASP A 68 5.82 9.02 -16.32
C ASP A 68 5.00 10.31 -16.39
N VAL A 69 4.19 10.47 -17.41
CA VAL A 69 3.41 11.70 -17.42
C VAL A 69 1.96 11.35 -17.15
N THR A 70 1.35 12.13 -16.30
CA THR A 70 -0.07 11.93 -16.02
C THR A 70 -0.86 13.19 -16.35
N LYS A 71 -1.97 13.09 -17.05
CA LYS A 71 -2.67 14.32 -17.37
C LYS A 71 -4.05 14.25 -16.77
N ALA A 72 -4.15 14.76 -15.56
CA ALA A 72 -5.38 14.81 -14.77
C ALA A 72 -6.29 15.92 -15.27
N PHE A 73 -7.59 15.67 -15.31
CA PHE A 73 -8.72 16.51 -15.67
C PHE A 73 -9.81 16.29 -14.63
N SER A 74 -9.82 17.02 -13.54
CA SER A 74 -10.97 16.75 -12.66
C SER A 74 -12.25 17.24 -13.32
N LEU A 75 -13.31 16.46 -13.26
CA LEU A 75 -14.51 16.94 -13.91
C LEU A 75 -15.37 17.62 -12.84
N ALA A 76 -15.38 17.02 -11.67
CA ALA A 76 -16.19 17.38 -10.51
C ALA A 76 -15.52 16.82 -9.26
N PRO A 77 -15.84 17.22 -8.04
CA PRO A 77 -15.15 16.71 -6.85
C PRO A 77 -15.18 15.19 -6.70
N LEU A 78 -16.24 14.65 -7.29
CA LEU A 78 -16.57 13.23 -7.32
C LEU A 78 -15.90 12.56 -8.51
N PHE A 79 -15.35 13.37 -9.45
CA PHE A 79 -14.81 12.84 -10.69
C PHE A 79 -13.38 13.35 -10.90
N GLN A 80 -12.50 12.43 -11.25
CA GLN A 80 -11.14 12.81 -11.58
C GLN A 80 -10.65 11.97 -12.75
N VAL A 81 -10.35 12.62 -13.83
CA VAL A 81 -9.93 11.93 -15.04
C VAL A 81 -8.44 12.14 -15.24
N SER A 82 -7.68 11.12 -15.65
CA SER A 82 -6.27 11.28 -15.95
C SER A 82 -5.90 10.45 -17.17
N HIS A 83 -4.74 10.75 -17.70
CA HIS A 83 -4.15 10.04 -18.84
C HIS A 83 -2.74 9.62 -18.44
N GLN A 84 -2.42 8.34 -18.46
CA GLN A 84 -1.07 7.96 -18.10
C GLN A 84 -0.21 7.76 -19.34
N PHE A 85 1.01 8.26 -19.26
CA PHE A 85 2.00 8.08 -20.32
C PHE A 85 3.19 7.35 -19.69
N ALA A 86 3.12 6.02 -19.83
CA ALA A 86 4.16 5.18 -19.26
C ALA A 86 5.17 4.79 -20.34
N MET A 87 6.32 4.44 -19.82
CA MET A 87 7.50 4.09 -20.62
C MET A 87 8.30 3.00 -19.90
N GLY A 88 9.21 2.40 -20.66
CA GLY A 88 10.16 1.47 -20.11
C GLY A 88 9.49 0.16 -19.72
N GLU A 89 9.55 -0.10 -18.43
CA GLU A 89 9.10 -1.37 -17.86
C GLU A 89 7.61 -1.57 -18.08
N ARG A 90 6.76 -0.55 -17.94
CA ARG A 90 5.35 -0.83 -18.21
C ARG A 90 5.12 -0.68 -19.72
N LEU A 91 5.82 0.28 -20.31
CA LEU A 91 5.79 0.57 -21.74
C LEU A 91 4.37 0.87 -22.20
N ASN A 92 3.61 1.63 -21.43
CA ASN A 92 2.24 1.96 -21.88
C ASN A 92 2.11 3.47 -21.90
N PRO A 93 2.57 4.14 -22.98
CA PRO A 93 2.56 5.59 -23.20
C PRO A 93 1.17 6.20 -23.30
N TYR A 94 0.18 5.35 -23.38
CA TYR A 94 -1.18 5.84 -23.21
C TYR A 94 -2.00 4.76 -22.52
N ALA A 95 -2.13 5.04 -21.27
CA ALA A 95 -2.88 4.25 -20.30
C ALA A 95 -3.88 5.17 -19.61
N PHE A 96 -5.04 5.24 -20.19
CA PHE A 96 -6.09 6.07 -19.61
C PHE A 96 -6.42 5.64 -18.19
N ALA A 97 -6.58 6.61 -17.35
CA ALA A 97 -6.97 6.20 -16.01
C ALA A 97 -7.84 7.25 -15.34
N ALA A 98 -8.73 6.87 -14.45
CA ALA A 98 -9.57 7.88 -13.82
C ALA A 98 -10.09 7.30 -12.51
N LEU A 99 -10.48 8.16 -11.62
CA LEU A 99 -11.08 7.72 -10.37
C LEU A 99 -12.32 8.55 -10.10
N TYR A 100 -13.23 7.96 -9.43
CA TYR A 100 -14.53 8.55 -9.18
C TYR A 100 -14.98 8.19 -7.76
N GLY A 101 -15.89 8.92 -7.18
CA GLY A 101 -16.42 8.45 -5.92
C GLY A 101 -17.34 9.42 -5.21
N THR A 102 -17.98 8.92 -4.13
CA THR A 102 -18.92 9.58 -3.24
C THR A 102 -18.51 9.28 -1.80
N ASN A 103 -19.17 9.84 -0.83
CA ASN A 103 -18.69 9.56 0.52
C ASN A 103 -18.70 8.07 0.81
N GLN A 104 -17.55 7.54 1.19
CA GLN A 104 -17.23 6.13 1.45
C GLN A 104 -17.31 5.28 0.19
N ILE A 105 -17.29 5.91 -0.98
CA ILE A 105 -17.24 5.24 -2.27
C ILE A 105 -16.08 5.81 -3.07
N PHE A 106 -15.24 4.95 -3.51
CA PHE A 106 -14.11 5.26 -4.37
C PHE A 106 -14.00 4.20 -5.46
N ALA A 107 -13.90 4.64 -6.68
CA ALA A 107 -13.71 3.74 -7.82
C ALA A 107 -12.49 4.20 -8.59
N GLN A 108 -11.78 3.27 -9.11
CA GLN A 108 -10.66 3.65 -9.97
C GLN A 108 -10.64 2.76 -11.21
N GLY A 109 -10.30 3.34 -12.33
CA GLY A 109 -10.25 2.66 -13.61
C GLY A 109 -8.93 2.93 -14.31
N ASN A 110 -8.11 1.88 -14.43
CA ASN A 110 -6.83 1.92 -15.13
C ASN A 110 -6.98 1.17 -16.45
N LEU A 111 -6.64 1.75 -17.61
CA LEU A 111 -6.76 1.04 -18.89
C LEU A 111 -5.47 1.23 -19.66
N ASP A 112 -4.95 0.19 -20.33
CA ASP A 112 -3.80 0.36 -21.23
C ASP A 112 -3.96 -0.60 -22.41
N ASN A 113 -3.47 -0.06 -23.55
CA ASN A 113 -3.68 -0.68 -24.85
C ASN A 113 -2.37 -0.66 -25.63
N GLU A 114 -1.42 -1.56 -25.39
CA GLU A 114 -0.26 -1.55 -26.29
C GLU A 114 -0.03 -2.95 -26.85
N GLY A 115 -0.97 -3.33 -27.71
CA GLY A 115 -1.02 -4.70 -28.16
C GLY A 115 -1.69 -5.64 -27.19
N ALA A 116 -1.02 -5.74 -26.03
CA ALA A 116 -1.61 -6.38 -24.85
C ALA A 116 -2.65 -5.43 -24.28
N LEU A 117 -3.71 -6.00 -23.81
CA LEU A 117 -4.76 -5.21 -23.18
C LEU A 117 -4.75 -5.39 -21.67
N SER A 118 -4.82 -4.32 -20.89
CA SER A 118 -5.02 -4.58 -19.47
C SER A 118 -5.81 -3.39 -18.90
N THR A 119 -6.61 -3.71 -17.90
CA THR A 119 -7.35 -2.68 -17.19
C THR A 119 -7.60 -3.17 -15.76
N ARG A 120 -7.64 -2.23 -14.83
CA ARG A 120 -7.94 -2.50 -13.43
C ARG A 120 -9.09 -1.63 -12.97
N PHE A 121 -9.93 -2.23 -12.15
CA PHE A 121 -11.03 -1.47 -11.56
C PHE A 121 -11.12 -1.74 -10.07
N ASN A 122 -11.13 -0.65 -9.36
CA ASN A 122 -11.22 -0.60 -7.91
C ASN A 122 -12.59 -0.09 -7.54
N TYR A 123 -13.18 -0.58 -6.43
CA TYR A 123 -14.46 -0.04 -6.01
C TYR A 123 -14.62 -0.22 -4.50
N ARG A 124 -15.38 0.70 -3.83
CA ARG A 124 -15.69 0.65 -2.41
C ARG A 124 -17.18 0.39 -2.23
N TRP A 125 -17.54 -0.59 -1.38
CA TRP A 125 -18.95 -0.99 -1.30
C TRP A 125 -19.58 -0.57 0.01
N GLY A 126 -18.88 -0.01 1.00
CA GLY A 126 -19.69 0.30 2.17
C GLY A 126 -19.01 1.22 3.17
N ASP A 127 -19.83 1.69 4.13
CA ASP A 127 -19.45 2.58 5.22
C ASP A 127 -19.42 1.82 6.56
N ARG A 128 -20.55 1.22 6.91
CA ARG A 128 -20.72 0.41 8.12
C ARG A 128 -20.14 -0.99 7.96
N THR A 129 -20.00 -1.43 6.74
CA THR A 129 -19.50 -2.72 6.27
C THR A 129 -18.48 -2.36 5.18
N ILE A 130 -17.36 -1.84 5.59
CA ILE A 130 -16.40 -1.40 4.57
C ILE A 130 -15.87 -2.63 3.84
N THR A 131 -16.07 -2.60 2.58
CA THR A 131 -15.74 -3.66 1.63
C THR A 131 -15.20 -3.01 0.36
N LYS A 132 -14.29 -3.62 -0.35
CA LYS A 132 -13.78 -3.03 -1.58
C LYS A 132 -13.32 -4.12 -2.53
N THR A 133 -13.23 -3.77 -3.78
CA THR A 133 -12.77 -4.69 -4.82
C THR A 133 -11.72 -4.01 -5.66
N GLN A 134 -10.77 -4.77 -6.09
CA GLN A 134 -9.65 -4.38 -6.93
C GLN A 134 -9.37 -5.49 -7.93
N PHE A 135 -9.99 -5.42 -9.11
CA PHE A 135 -9.80 -6.51 -10.05
C PHE A 135 -9.27 -5.96 -11.37
N SER A 136 -8.65 -6.81 -12.10
CA SER A 136 -8.01 -6.40 -13.34
C SER A 136 -8.04 -7.56 -14.34
N ILE A 137 -7.82 -7.15 -15.53
CA ILE A 137 -7.50 -8.16 -16.53
C ILE A 137 -6.23 -7.82 -17.30
N GLY A 138 -5.59 -8.84 -17.77
CA GLY A 138 -4.40 -8.59 -18.56
C GLY A 138 -4.18 -9.65 -19.63
N GLY A 139 -3.28 -9.46 -20.57
CA GLY A 139 -3.06 -10.54 -21.51
C GLY A 139 -2.32 -11.70 -20.87
N GLY A 140 -1.40 -11.32 -19.98
CA GLY A 140 -0.59 -12.34 -19.35
C GLY A 140 -1.15 -12.83 -18.02
N GLN A 141 -2.07 -12.10 -17.41
CA GLN A 141 -2.65 -12.56 -16.14
C GLN A 141 -3.82 -11.63 -15.84
N ASP A 142 -4.91 -12.24 -15.45
CA ASP A 142 -6.09 -11.53 -14.94
C ASP A 142 -6.00 -11.58 -13.41
N MET A 143 -6.57 -10.65 -12.69
CA MET A 143 -6.43 -10.70 -11.24
C MET A 143 -7.72 -10.22 -10.62
N ALA A 144 -8.25 -10.88 -9.63
CA ALA A 144 -9.38 -10.29 -8.94
C ALA A 144 -9.08 -10.15 -7.46
N GLN A 145 -9.17 -8.96 -6.87
CA GLN A 145 -8.83 -8.86 -5.45
C GLN A 145 -10.03 -8.33 -4.69
N PHE A 146 -10.61 -9.13 -3.85
CA PHE A 146 -11.77 -8.73 -3.07
C PHE A 146 -11.34 -8.47 -1.63
N GLU A 147 -11.79 -7.40 -1.00
CA GLU A 147 -11.44 -7.24 0.41
C GLU A 147 -12.69 -6.88 1.19
N HIS A 148 -12.82 -7.52 2.32
CA HIS A 148 -13.96 -7.29 3.22
C HIS A 148 -13.40 -6.88 4.58
N GLU A 149 -13.67 -5.65 4.96
CA GLU A 149 -13.13 -5.23 6.25
C GLU A 149 -14.11 -5.55 7.37
N HIS A 150 -13.57 -5.82 8.52
CA HIS A 150 -14.32 -6.19 9.72
C HIS A 150 -13.79 -5.39 10.91
N LEU A 151 -14.17 -4.12 10.92
CA LEU A 151 -13.67 -3.16 11.89
C LEU A 151 -14.23 -3.45 13.27
N GLY A 152 -13.31 -3.54 14.21
CA GLY A 152 -13.55 -3.76 15.61
C GLY A 152 -13.55 -2.47 16.39
N ASP A 153 -13.54 -2.55 17.74
CA ASP A 153 -13.53 -1.36 18.58
C ASP A 153 -12.11 -0.85 18.68
N ASP A 154 -11.13 -1.73 18.88
CA ASP A 154 -9.69 -1.49 19.01
C ASP A 154 -8.85 -2.39 18.11
N PHE A 155 -9.53 -2.91 17.17
CA PHE A 155 -9.05 -4.03 16.34
C PHE A 155 -9.85 -4.10 15.04
N SER A 156 -9.38 -4.93 14.14
CA SER A 156 -10.17 -5.27 12.97
C SER A 156 -9.66 -6.57 12.35
N ALA A 157 -10.50 -7.08 11.52
CA ALA A 157 -10.18 -8.23 10.68
C ALA A 157 -10.50 -7.94 9.23
N SER A 158 -9.83 -8.62 8.33
CA SER A 158 -10.17 -8.38 6.94
C SER A 158 -10.04 -9.69 6.17
N LEU A 159 -11.03 -9.91 5.35
CA LEU A 159 -11.08 -11.07 4.45
C LEU A 159 -10.63 -10.59 3.06
N LYS A 160 -9.55 -11.14 2.64
CA LYS A 160 -9.00 -10.70 1.36
C LYS A 160 -8.95 -11.90 0.40
N ALA A 161 -9.29 -11.67 -0.84
CA ALA A 161 -9.22 -12.84 -1.69
C ALA A 161 -8.72 -12.48 -3.09
N ILE A 162 -7.84 -13.32 -3.57
CA ILE A 162 -7.23 -13.10 -4.89
C ILE A 162 -7.46 -14.29 -5.80
N ASN A 163 -8.08 -13.97 -6.93
CA ASN A 163 -8.44 -14.95 -7.95
C ASN A 163 -9.30 -16.07 -7.36
N PRO A 164 -10.33 -15.75 -6.56
CA PRO A 164 -11.16 -16.73 -5.84
C PRO A 164 -12.12 -17.47 -6.77
N SER A 165 -11.58 -18.21 -7.71
CA SER A 165 -12.37 -18.99 -8.65
C SER A 165 -12.99 -20.20 -7.95
N PHE A 166 -14.02 -20.73 -8.52
CA PHE A 166 -14.73 -21.84 -7.91
C PHE A 166 -14.85 -22.99 -8.91
N LEU A 167 -15.01 -24.14 -8.34
CA LEU A 167 -15.17 -25.41 -9.04
C LEU A 167 -16.59 -25.92 -8.82
N ASP A 168 -17.10 -26.73 -9.71
CA ASP A 168 -18.42 -27.26 -9.38
C ASP A 168 -18.27 -28.24 -8.23
N GLY A 169 -18.76 -27.85 -7.07
CA GLY A 169 -18.60 -28.60 -5.85
C GLY A 169 -17.31 -28.36 -5.11
N GLY A 170 -16.57 -27.29 -5.45
CA GLY A 170 -15.30 -26.99 -4.81
C GLY A 170 -14.93 -25.53 -5.02
N LEU A 171 -13.79 -25.14 -4.49
CA LEU A 171 -13.33 -23.76 -4.59
C LEU A 171 -11.82 -23.72 -4.65
N THR A 172 -11.28 -22.68 -5.28
CA THR A 172 -9.85 -22.42 -5.39
C THR A 172 -9.62 -20.94 -5.07
N GLY A 173 -8.35 -20.55 -4.90
CA GLY A 173 -8.05 -19.14 -4.73
C GLY A 173 -7.53 -18.77 -3.35
N ILE A 174 -7.06 -17.54 -3.25
CA ILE A 174 -6.43 -17.01 -2.06
C ILE A 174 -7.52 -16.38 -1.21
N PHE A 175 -7.61 -16.76 0.07
CA PHE A 175 -8.56 -16.27 1.07
C PHE A 175 -7.81 -15.93 2.35
N VAL A 176 -7.24 -14.72 2.45
CA VAL A 176 -6.40 -14.29 3.57
C VAL A 176 -7.31 -13.69 4.64
N GLY A 177 -7.06 -14.05 5.89
CA GLY A 177 -7.81 -13.48 6.98
C GLY A 177 -6.94 -12.86 8.04
N ASP A 178 -6.94 -11.53 8.11
CA ASP A 178 -6.02 -10.90 9.05
C ASP A 178 -6.79 -10.39 10.26
N TYR A 179 -6.10 -10.28 11.43
CA TYR A 179 -6.70 -9.70 12.63
C TYR A 179 -5.60 -8.92 13.35
N LEU A 180 -5.90 -7.72 13.78
CA LEU A 180 -4.96 -7.01 14.64
C LEU A 180 -5.68 -6.28 15.77
N GLN A 181 -5.12 -6.36 16.99
CA GLN A 181 -5.72 -5.67 18.13
C GLN A 181 -4.58 -5.07 18.95
N ALA A 182 -4.86 -3.89 19.52
CA ALA A 182 -3.88 -3.28 20.40
C ALA A 182 -3.72 -4.10 21.67
N VAL A 183 -2.51 -4.29 22.17
CA VAL A 183 -2.39 -5.07 23.40
C VAL A 183 -2.05 -4.10 24.52
N THR A 184 -1.51 -2.98 24.10
CA THR A 184 -1.05 -1.85 24.88
C THR A 184 -1.44 -0.49 24.30
N PRO A 185 -1.61 0.60 25.01
CA PRO A 185 -1.96 1.86 24.33
C PRO A 185 -0.95 2.26 23.26
N ARG A 186 0.31 1.83 23.41
CA ARG A 186 1.23 2.12 22.30
C ARG A 186 1.61 0.86 21.50
N LEU A 187 1.41 -0.36 22.04
CA LEU A 187 1.95 -1.53 21.37
C LEU A 187 0.79 -2.40 20.88
N GLY A 188 1.02 -3.24 19.86
CA GLY A 188 -0.08 -4.10 19.48
C GLY A 188 0.35 -5.34 18.73
N LEU A 189 -0.60 -6.28 18.55
CA LEU A 189 -0.25 -7.53 17.89
C LEU A 189 -1.30 -7.85 16.84
N GLY A 190 -0.87 -8.59 15.79
CA GLY A 190 -1.83 -9.04 14.79
C GLY A 190 -1.33 -10.30 14.11
N LEU A 191 -2.20 -10.90 13.34
CA LEU A 191 -1.81 -12.11 12.62
C LEU A 191 -2.28 -12.00 11.18
N GLN A 192 -1.50 -12.50 10.25
CA GLN A 192 -2.11 -12.49 8.92
C GLN A 192 -2.37 -13.93 8.50
N ALA A 193 -3.62 -14.36 8.55
CA ALA A 193 -3.83 -15.76 8.23
C ALA A 193 -3.88 -15.97 6.72
N VAL A 194 -2.76 -16.25 6.15
CA VAL A 194 -2.79 -16.44 4.70
C VAL A 194 -3.37 -17.83 4.40
N TRP A 195 -4.38 -17.87 3.59
CA TRP A 195 -4.89 -19.19 3.20
C TRP A 195 -5.09 -19.18 1.68
N GLN A 196 -4.67 -20.20 1.00
CA GLN A 196 -4.92 -20.18 -0.42
C GLN A 196 -5.09 -21.60 -0.94
N ARG A 197 -6.00 -21.77 -1.85
CA ARG A 197 -6.11 -23.09 -2.47
C ARG A 197 -5.46 -23.01 -3.84
N GLN A 198 -4.43 -23.81 -4.05
CA GLN A 198 -3.71 -23.66 -5.30
C GLN A 198 -4.37 -24.54 -6.37
N GLY A 199 -5.32 -25.36 -5.96
CA GLY A 199 -5.97 -26.17 -6.99
C GLY A 199 -6.80 -27.30 -6.43
N LEU A 200 -7.37 -28.12 -7.28
CA LEU A 200 -8.10 -29.27 -6.77
C LEU A 200 -7.16 -30.35 -6.24
N THR A 201 -6.08 -30.57 -6.98
CA THR A 201 -5.03 -31.54 -6.60
C THR A 201 -4.02 -30.80 -5.74
N GLN A 202 -4.10 -29.48 -5.81
CA GLN A 202 -3.12 -28.78 -4.98
C GLN A 202 -3.75 -28.43 -3.64
N GLY A 203 -2.91 -28.29 -2.65
CA GLY A 203 -3.40 -28.10 -1.30
C GLY A 203 -3.87 -26.68 -1.08
N PRO A 204 -4.49 -26.54 0.09
CA PRO A 204 -4.95 -25.35 0.84
C PRO A 204 -3.82 -24.66 1.59
N ASP A 205 -2.90 -24.14 0.80
CA ASP A 205 -1.69 -23.62 1.41
C ASP A 205 -2.02 -22.51 2.40
N THR A 206 -1.42 -22.63 3.56
CA THR A 206 -1.72 -21.59 4.54
C THR A 206 -0.44 -21.28 5.31
N ALA A 207 -0.41 -20.07 5.81
CA ALA A 207 0.68 -19.61 6.66
C ALA A 207 0.21 -18.41 7.47
N ILE A 208 0.71 -18.24 8.67
CA ILE A 208 0.18 -17.11 9.43
C ILE A 208 1.34 -16.16 9.68
N SER A 209 1.19 -14.94 9.23
CA SER A 209 2.30 -14.06 9.59
C SER A 209 2.10 -13.53 11.01
N TYR A 210 3.15 -13.57 11.77
CA TYR A 210 3.05 -12.91 13.08
C TYR A 210 3.26 -11.41 12.93
N PHE A 211 2.37 -10.59 13.44
CA PHE A 211 2.70 -9.18 13.28
C PHE A 211 2.78 -8.52 14.65
N ALA A 212 3.79 -7.67 14.80
CA ALA A 212 3.86 -6.96 16.06
C ALA A 212 4.03 -5.48 15.77
N ARG A 213 3.50 -4.64 16.63
CA ARG A 213 3.80 -3.24 16.43
C ARG A 213 4.15 -2.58 17.76
N TYR A 214 5.05 -1.65 17.65
CA TYR A 214 5.48 -0.92 18.83
C TYR A 214 5.35 0.57 18.51
N LYS A 215 4.15 1.09 18.62
CA LYS A 215 3.99 2.45 18.10
C LYS A 215 4.39 3.44 19.18
N ALA A 216 5.68 3.52 19.45
CA ALA A 216 6.10 4.58 20.35
C ALA A 216 5.99 5.96 19.72
N GLY A 217 5.68 6.99 20.49
CA GLY A 217 5.63 8.28 19.84
C GLY A 217 6.99 8.78 19.39
N ASP A 218 8.03 8.24 20.02
CA ASP A 218 9.35 8.56 19.49
C ASP A 218 9.69 7.84 18.20
N TRP A 219 9.26 6.59 18.10
CA TRP A 219 9.39 5.91 16.82
C TRP A 219 8.46 4.69 16.79
N VAL A 220 7.95 4.40 15.64
CA VAL A 220 7.15 3.19 15.59
C VAL A 220 8.03 2.02 15.20
N ALA A 221 8.12 1.01 16.05
CA ALA A 221 8.82 -0.15 15.53
C ALA A 221 7.79 -1.11 14.96
N SER A 222 8.13 -1.87 13.94
CA SER A 222 7.10 -2.81 13.50
C SER A 222 7.75 -4.10 13.04
N ALA A 223 7.01 -5.22 13.10
CA ALA A 223 7.70 -6.38 12.56
C ALA A 223 6.70 -7.36 12.00
N GLN A 224 7.13 -8.01 10.94
CA GLN A 224 6.25 -8.96 10.26
C GLN A 224 6.97 -10.30 10.14
N LEU A 225 6.43 -11.35 10.70
CA LEU A 225 7.08 -12.62 10.48
C LEU A 225 6.17 -13.54 9.67
N GLN A 226 6.36 -13.58 8.37
CA GLN A 226 5.52 -14.52 7.63
C GLN A 226 5.94 -15.95 7.96
N ALA A 227 4.96 -16.83 8.21
CA ALA A 227 5.39 -18.17 8.62
C ALA A 227 6.20 -18.85 7.53
N GLN A 228 5.88 -18.61 6.25
CA GLN A 228 6.72 -19.15 5.19
C GLN A 228 7.90 -18.26 4.85
N GLY A 229 7.83 -17.02 5.32
CA GLY A 229 8.81 -15.96 5.13
C GLY A 229 9.75 -15.76 6.30
N ALA A 230 10.12 -14.51 6.50
CA ALA A 230 11.03 -14.21 7.60
C ALA A 230 10.79 -12.80 8.10
N LEU A 231 11.27 -12.56 9.31
CA LEU A 231 10.95 -11.37 10.10
C LEU A 231 11.46 -10.15 9.34
N ASN A 232 10.51 -9.29 9.09
CA ASN A 232 10.80 -7.97 8.56
C ASN A 232 10.67 -6.92 9.64
N THR A 233 11.53 -5.93 9.70
CA THR A 233 11.33 -5.05 10.84
C THR A 233 11.38 -3.60 10.37
N SER A 234 10.83 -2.68 11.16
CA SER A 234 11.02 -1.33 10.64
C SER A 234 10.88 -0.33 11.79
N PHE A 235 11.43 0.90 11.56
CA PHE A 235 11.34 1.95 12.57
C PHE A 235 10.81 3.21 11.87
N TRP A 236 9.87 3.97 12.49
CA TRP A 236 9.55 5.20 11.78
C TRP A 236 9.39 6.34 12.77
N LYS A 237 9.93 7.51 12.44
CA LYS A 237 9.75 8.70 13.29
C LYS A 237 9.79 9.94 12.39
N LYS A 238 9.26 11.04 12.86
CA LYS A 238 9.51 12.26 12.08
C LYS A 238 10.68 13.01 12.68
N LEU A 239 11.41 13.72 11.89
CA LEU A 239 12.48 14.52 12.48
C LEU A 239 12.02 15.95 12.76
N THR A 240 11.32 16.47 11.78
CA THR A 240 10.66 17.76 11.86
C THR A 240 9.25 17.62 11.30
N ASP A 241 8.51 18.70 11.32
CA ASP A 241 7.22 18.58 10.66
C ASP A 241 7.37 18.58 9.14
N ARG A 242 8.55 18.94 8.65
CA ARG A 242 8.83 18.84 7.23
C ARG A 242 9.81 17.73 6.88
N VAL A 243 10.53 17.23 7.86
CA VAL A 243 11.50 16.20 7.55
C VAL A 243 11.11 14.95 8.33
N GLN A 244 10.98 13.86 7.62
CA GLN A 244 10.57 12.65 8.31
C GLN A 244 11.59 11.55 8.04
N ALA A 245 11.66 10.50 8.86
CA ALA A 245 12.71 9.56 8.50
C ALA A 245 12.31 8.17 9.01
N GLY A 246 12.90 7.15 8.40
CA GLY A 246 12.63 5.80 8.85
C GLY A 246 13.72 4.83 8.44
N VAL A 247 13.65 3.62 9.03
CA VAL A 247 14.66 2.60 8.79
C VAL A 247 13.94 1.26 8.63
N ASP A 248 14.42 0.36 7.75
CA ASP A 248 13.72 -0.90 7.89
C ASP A 248 14.67 -2.03 7.55
N MET A 249 14.21 -3.26 7.82
CA MET A 249 15.05 -4.42 7.53
C MET A 249 14.17 -5.50 6.91
N THR A 250 14.63 -6.13 5.87
CA THR A 250 13.84 -7.24 5.39
C THR A 250 14.64 -8.54 5.56
N LEU A 251 13.95 -9.67 5.72
CA LEU A 251 14.70 -10.90 5.97
C LEU A 251 14.12 -12.02 5.11
N SER A 252 15.01 -12.88 4.60
CA SER A 252 14.54 -14.08 3.91
C SER A 252 15.46 -15.24 4.25
N VAL A 253 14.88 -16.44 4.50
CA VAL A 253 15.76 -17.59 4.73
C VAL A 253 15.15 -18.76 3.97
N ALA A 254 15.95 -19.45 3.13
CA ALA A 254 15.45 -20.73 2.65
C ALA A 254 16.61 -21.69 2.40
N PRO A 255 16.50 -22.96 2.83
CA PRO A 255 17.42 -24.10 2.61
C PRO A 255 17.50 -24.53 1.15
N SER A 256 18.64 -25.12 0.79
CA SER A 256 18.82 -25.58 -0.59
C SER A 256 19.87 -26.68 -0.62
N GLN A 257 20.19 -27.11 -1.83
CA GLN A 257 21.11 -28.22 -2.04
C GLN A 257 22.42 -27.95 -1.32
N SER A 258 22.88 -28.93 -0.54
CA SER A 258 24.09 -28.66 0.24
C SER A 258 25.26 -28.52 -0.75
N MET A 259 25.16 -29.19 -1.89
CA MET A 259 26.22 -29.01 -2.89
C MET A 259 25.91 -27.77 -3.70
N MET A 260 26.42 -26.61 -3.24
CA MET A 260 26.32 -25.31 -3.89
C MET A 260 24.87 -24.98 -4.21
N GLY A 261 23.96 -25.14 -3.25
CA GLY A 261 22.57 -24.83 -3.54
C GLY A 261 22.27 -23.35 -3.38
N GLY A 262 20.98 -23.03 -3.54
CA GLY A 262 20.41 -21.70 -3.50
C GLY A 262 19.97 -21.29 -2.12
N LEU A 263 20.86 -21.31 -1.11
CA LEU A 263 20.48 -20.87 0.23
C LEU A 263 20.03 -19.40 0.15
N THR A 264 18.86 -19.08 0.71
CA THR A 264 18.42 -17.70 0.49
C THR A 264 18.63 -16.90 1.77
N LYS A 265 19.38 -17.39 2.75
CA LYS A 265 19.46 -16.53 3.92
C LYS A 265 20.06 -15.20 3.51
N GLU A 266 19.26 -14.14 3.67
CA GLU A 266 19.70 -12.82 3.23
C GLU A 266 18.90 -11.77 3.98
N GLY A 267 19.41 -10.53 4.02
CA GLY A 267 18.63 -9.46 4.61
C GLY A 267 19.01 -8.12 4.01
N ILE A 268 18.07 -7.17 4.03
CA ILE A 268 18.34 -5.87 3.42
C ILE A 268 17.94 -4.80 4.45
N THR A 269 18.81 -3.85 4.71
CA THR A 269 18.44 -2.78 5.63
C THR A 269 18.40 -1.45 4.90
N THR A 270 17.33 -0.67 5.06
CA THR A 270 17.36 0.57 4.28
C THR A 270 17.15 1.75 5.20
N PHE A 271 17.66 2.88 4.78
CA PHE A 271 17.53 4.08 5.62
C PHE A 271 16.89 5.17 4.78
N GLY A 272 16.08 6.04 5.29
CA GLY A 272 15.71 7.08 4.35
C GLY A 272 14.97 8.23 5.02
N ALA A 273 14.68 9.24 4.21
CA ALA A 273 14.05 10.37 4.86
C ALA A 273 13.24 11.15 3.84
N LYS A 274 12.29 11.90 4.39
CA LYS A 274 11.44 12.79 3.59
C LYS A 274 11.86 14.23 3.88
N TYR A 275 11.92 15.01 2.83
CA TYR A 275 12.24 16.42 3.01
C TYR A 275 11.21 17.21 2.22
N ASP A 276 10.05 17.32 2.80
CA ASP A 276 8.97 17.91 2.02
C ASP A 276 8.89 19.41 2.29
N PHE A 277 8.47 20.13 1.30
CA PHE A 277 8.40 21.58 1.44
C PHE A 277 7.08 22.08 0.84
N ARG A 278 6.70 23.30 1.12
CA ARG A 278 5.49 23.65 0.39
C ARG A 278 5.74 23.58 -1.11
N MET A 279 4.82 22.91 -1.79
CA MET A 279 4.90 22.62 -3.22
C MET A 279 6.11 21.74 -3.54
N SER A 280 6.61 20.96 -2.61
CA SER A 280 7.69 20.11 -3.06
C SER A 280 7.77 18.89 -2.15
N THR A 281 8.28 17.83 -2.72
CA THR A 281 8.36 16.58 -1.98
C THR A 281 9.74 15.98 -2.18
N PHE A 282 10.38 15.41 -1.17
CA PHE A 282 11.67 14.84 -1.56
C PHE A 282 11.88 13.55 -0.76
N ARG A 283 12.40 12.57 -1.48
CA ARG A 283 12.70 11.30 -0.80
C ARG A 283 14.19 11.01 -0.98
N ALA A 284 14.73 10.43 0.04
CA ALA A 284 16.06 9.90 -0.20
C ALA A 284 16.29 8.63 0.61
N GLN A 285 16.97 7.67 0.04
CA GLN A 285 17.06 6.48 0.90
C GLN A 285 18.37 5.77 0.59
N ILE A 286 18.85 5.10 1.59
CA ILE A 286 20.03 4.25 1.44
C ILE A 286 19.54 2.81 1.35
N ASP A 287 19.77 2.19 0.27
CA ASP A 287 19.23 0.84 0.14
C ASP A 287 20.28 -0.18 0.56
N SER A 288 21.50 0.20 0.27
CA SER A 288 22.66 -0.62 0.64
C SER A 288 23.94 0.21 0.60
N LYS A 289 25.05 -0.39 0.96
CA LYS A 289 26.24 0.41 0.81
C LYS A 289 26.49 0.71 -0.66
N GLY A 290 26.03 -0.19 -1.52
CA GLY A 290 26.13 0.01 -2.96
C GLY A 290 24.85 0.58 -3.56
N LYS A 291 23.82 0.92 -2.78
CA LYS A 291 22.61 1.32 -3.51
C LYS A 291 21.94 2.46 -2.76
N LEU A 292 21.68 3.55 -3.49
CA LEU A 292 20.96 4.63 -2.83
C LEU A 292 19.93 5.16 -3.82
N SER A 293 18.89 5.88 -3.31
CA SER A 293 17.94 6.42 -4.28
C SER A 293 17.49 7.80 -3.84
N CYS A 294 17.08 8.63 -4.83
CA CYS A 294 16.61 9.97 -4.53
C CYS A 294 15.35 10.26 -5.32
N LEU A 295 14.40 10.98 -4.73
CA LEU A 295 13.22 11.29 -5.54
C LEU A 295 12.89 12.76 -5.29
N LEU A 296 12.78 13.58 -6.33
CA LEU A 296 12.45 14.98 -6.05
C LEU A 296 11.16 15.33 -6.78
N GLU A 297 10.21 15.99 -6.08
CA GLU A 297 9.03 16.46 -6.78
C GLU A 297 8.82 17.94 -6.50
N LYS A 298 8.35 18.66 -7.53
CA LYS A 298 8.11 20.08 -7.31
C LYS A 298 6.77 20.45 -7.92
N ARG A 299 5.92 21.12 -7.17
CA ARG A 299 4.67 21.64 -7.71
C ARG A 299 4.92 23.05 -8.21
N LEU A 300 4.38 23.37 -9.37
CA LEU A 300 4.60 24.73 -9.83
C LEU A 300 3.67 25.70 -9.10
N GLY A 301 4.20 26.76 -8.53
CA GLY A 301 3.26 27.63 -7.86
C GLY A 301 2.32 28.39 -8.78
N ALA A 302 2.76 28.57 -10.01
CA ALA A 302 1.99 29.25 -11.05
C ALA A 302 0.91 28.35 -11.62
N ALA A 303 0.96 27.01 -11.41
CA ALA A 303 -0.05 26.19 -12.03
C ALA A 303 -0.11 24.82 -11.38
N PRO A 304 -1.27 24.13 -11.41
CA PRO A 304 -1.53 22.82 -10.81
C PRO A 304 -0.92 21.68 -11.61
N VAL A 305 0.42 21.75 -11.69
CA VAL A 305 1.24 20.76 -12.36
C VAL A 305 2.43 20.41 -11.47
N THR A 306 3.00 19.21 -11.64
CA THR A 306 4.11 18.91 -10.75
C THR A 306 5.17 18.14 -11.52
N LEU A 307 6.42 18.30 -11.11
CA LEU A 307 7.52 17.63 -11.81
C LEU A 307 8.17 16.64 -10.86
N THR A 308 8.66 15.52 -11.37
CA THR A 308 9.36 14.62 -10.47
C THR A 308 10.61 14.09 -11.16
N PHE A 309 11.71 13.94 -10.40
CA PHE A 309 12.90 13.34 -10.99
C PHE A 309 13.36 12.20 -10.09
N ALA A 310 13.76 11.06 -10.71
CA ALA A 310 14.13 9.92 -9.88
C ALA A 310 15.57 9.51 -10.17
N ALA A 311 16.30 9.03 -9.09
CA ALA A 311 17.64 8.50 -9.29
C ALA A 311 17.82 7.27 -8.42
N ASP A 312 18.45 6.23 -9.01
CA ASP A 312 18.83 4.99 -8.35
C ASP A 312 20.31 4.77 -8.59
N VAL A 313 21.16 4.81 -7.57
CA VAL A 313 22.56 4.71 -7.96
C VAL A 313 23.14 3.42 -7.39
N ASP A 314 23.73 2.69 -8.33
CA ASP A 314 24.39 1.40 -8.16
C ASP A 314 25.87 1.67 -7.98
N HIS A 315 26.40 1.48 -6.80
CA HIS A 315 27.83 1.72 -6.70
C HIS A 315 28.64 0.43 -6.82
N VAL A 316 27.93 -0.66 -7.02
CA VAL A 316 28.64 -1.91 -7.32
C VAL A 316 29.21 -1.86 -8.74
N THR A 317 28.38 -1.29 -9.61
CA THR A 317 28.80 -1.04 -10.98
C THR A 317 28.91 0.45 -11.31
N GLN A 318 28.68 1.27 -10.28
CA GLN A 318 28.75 2.72 -10.41
C GLN A 318 27.86 3.22 -11.55
N GLN A 319 26.61 2.75 -11.53
CA GLN A 319 25.71 3.15 -12.61
C GLN A 319 24.55 3.93 -11.98
N ALA A 320 23.99 4.86 -12.71
CA ALA A 320 22.86 5.57 -12.13
C ALA A 320 21.64 5.49 -13.04
N LYS A 321 20.54 5.07 -12.47
CA LYS A 321 19.29 4.97 -13.22
C LYS A 321 18.51 6.27 -12.99
N LEU A 322 18.14 6.94 -14.06
CA LEU A 322 17.48 8.22 -13.86
C LEU A 322 16.14 8.20 -14.59
N GLY A 323 15.14 8.89 -14.06
CA GLY A 323 13.85 8.92 -14.73
C GLY A 323 13.09 10.17 -14.37
N MET A 324 11.93 10.34 -14.97
CA MET A 324 11.29 11.62 -14.74
C MET A 324 9.78 11.44 -14.87
N SER A 325 9.04 12.22 -14.11
CA SER A 325 7.60 12.12 -14.18
C SER A 325 7.00 13.51 -14.16
N VAL A 326 5.96 13.70 -14.89
CA VAL A 326 5.33 15.02 -14.93
C VAL A 326 3.83 14.82 -14.73
N SER A 327 3.24 15.54 -13.82
CA SER A 327 1.80 15.30 -13.75
C SER A 327 1.08 16.65 -13.84
N ILE A 328 0.00 16.67 -14.57
CA ILE A 328 -0.64 17.97 -14.65
C ILE A 328 -2.11 17.83 -14.27
N GLU A 329 -2.68 18.92 -13.83
CA GLU A 329 -4.12 18.94 -13.59
C GLU A 329 -4.69 20.07 -14.47
N ALA A 330 -5.70 19.74 -15.28
CA ALA A 330 -6.29 20.81 -16.08
C ALA A 330 -6.93 21.85 -15.16
N SER A 331 -6.67 23.10 -15.44
CA SER A 331 -7.32 24.18 -14.72
C SER A 331 -8.53 24.64 -15.52
N ASP A 332 -9.63 24.78 -14.84
CA ASP A 332 -10.84 25.21 -15.53
C ASP A 332 -11.72 25.88 -14.49
N VAL A 333 -12.87 26.39 -14.90
CA VAL A 333 -13.73 27.03 -13.88
C VAL A 333 -14.23 26.02 -12.86
N ASP A 334 -14.34 24.76 -13.28
CA ASP A 334 -14.77 23.76 -12.31
C ASP A 334 -13.71 23.51 -11.23
N LEU A 335 -12.48 23.82 -11.54
CA LEU A 335 -11.46 23.63 -10.52
C LEU A 335 -11.68 24.58 -9.34
N GLN A 336 -11.99 25.81 -9.66
CA GLN A 336 -12.30 26.72 -8.57
C GLN A 336 -13.64 26.37 -7.93
N GLU A 337 -14.58 25.95 -8.74
CA GLU A 337 -15.86 25.58 -8.16
C GLU A 337 -15.71 24.35 -7.27
N GLN A 338 -14.77 23.48 -7.63
CA GLN A 338 -14.48 22.34 -6.77
C GLN A 338 -13.81 22.78 -5.48
N GLN A 339 -12.98 23.82 -5.54
CA GLN A 339 -12.44 24.32 -4.29
C GLN A 339 -13.52 24.83 -3.36
N GLU A 340 -14.50 25.45 -3.99
CA GLU A 340 -15.69 25.93 -3.30
C GLU A 340 -16.56 24.78 -2.80
N GLY A 341 -16.66 23.72 -3.64
CA GLY A 341 -17.47 22.59 -3.26
C GLY A 341 -16.74 21.52 -2.48
N ALA A 342 -15.41 21.63 -2.30
CA ALA A 342 -14.65 20.61 -1.58
C ALA A 342 -14.82 20.84 -0.07
N GLN A 343 -16.01 20.56 0.41
CA GLN A 343 -16.33 20.73 1.83
C GLN A 343 -16.22 19.41 2.61
N SER A 344 -15.88 18.30 1.94
CA SER A 344 -15.77 17.06 2.69
C SER A 344 -14.73 16.12 2.08
N LEU A 345 -14.08 15.38 2.96
CA LEU A 345 -13.06 14.41 2.58
C LEU A 345 -13.54 13.00 2.95
N ASN A 346 -14.85 12.79 2.84
CA ASN A 346 -15.37 11.50 3.29
C ASN A 346 -15.27 10.50 2.14
N ILE A 347 -14.73 10.93 1.02
CA ILE A 347 -14.41 9.98 -0.04
C ILE A 347 -13.10 9.25 0.27
N PRO A 348 -13.06 7.93 0.30
CA PRO A 348 -11.87 7.10 0.56
C PRO A 348 -10.91 7.13 -0.62
N PHE A 349 -9.63 6.93 -0.35
CA PHE A 349 -8.67 6.86 -1.44
C PHE A 349 -7.69 5.71 -1.19
#